data_7EHF
#
_entry.id   7EHF
#
_cell.length_a   42.738
_cell.length_b   65.798
_cell.length_c   65.806
_cell.angle_alpha   90.000
_cell.angle_beta   90.000
_cell.angle_gamma   90.000
#
_symmetry.space_group_name_H-M   'P 21 21 21'
#
loop_
_entity.id
_entity.type
_entity.pdbx_description
1 polymer '16S rRNA methyltransferase'
2 non-polymer 'SODIUM ION'
3 non-polymer 'CHLORIDE ION'
4 non-polymer 1,2-ETHANEDIOL
5 water water
#
_entity_poly.entity_id   1
_entity_poly.type   'polypeptide(L)'
_entity_poly.pdbx_seq_one_letter_code
;MVKQIRGSTIWQLTREELEERISTYREVAIDLGTGDGRFVLDLAKLEADTFVIGIDANAKPLEKPSVKITRKPAKGGLPN
ALFVQAAAEDLPSELASVADSVTVNLPWGSLLRAVLLPDSEVLRGIRRLVKPGGELEVVTAIDPVRDLQELARLGLSQLT
EQHFETDLVQAYRNAGLERGKNTGFAKAGALPIETTWGKRLSRSSERSVRRLRFTAV
;
_entity_poly.pdbx_strand_id   A
#
# COMPACT_ATOMS: atom_id res chain seq x y z
N MET A 1 -5.04 -17.37 -5.90
CA MET A 1 -5.65 -16.33 -6.72
C MET A 1 -5.78 -15.04 -5.93
N VAL A 2 -6.15 -13.97 -6.63
CA VAL A 2 -6.37 -12.69 -5.95
C VAL A 2 -7.76 -12.70 -5.33
N LYS A 3 -7.83 -12.42 -4.04
CA LYS A 3 -9.11 -12.37 -3.31
C LYS A 3 -9.67 -10.96 -3.43
N GLN A 4 -10.49 -10.74 -4.45
CA GLN A 4 -11.16 -9.44 -4.60
C GLN A 4 -12.29 -9.30 -3.57
N ILE A 5 -12.29 -8.17 -2.87
CA ILE A 5 -13.36 -7.90 -1.92
C ILE A 5 -14.53 -7.30 -2.69
N ARG A 6 -15.70 -7.93 -2.57
N ARG A 6 -15.68 -7.96 -2.64
CA ARG A 6 -16.92 -7.53 -3.27
CA ARG A 6 -16.90 -7.47 -3.29
C ARG A 6 -18.03 -7.43 -2.22
C ARG A 6 -18.00 -7.42 -2.23
N GLY A 7 -18.17 -6.26 -1.60
CA GLY A 7 -19.08 -6.15 -0.49
C GLY A 7 -18.61 -7.12 0.58
N SER A 8 -19.56 -7.87 1.15
CA SER A 8 -19.23 -8.81 2.22
C SER A 8 -18.85 -10.19 1.71
N THR A 9 -18.31 -10.26 0.49
CA THR A 9 -17.94 -11.55 -0.10
C THR A 9 -16.59 -11.40 -0.76
N ILE A 10 -16.03 -12.55 -1.16
CA ILE A 10 -14.79 -12.60 -1.92
C ILE A 10 -15.10 -13.14 -3.30
N TRP A 11 -14.48 -12.55 -4.31
CA TRP A 11 -14.49 -13.08 -5.66
C TRP A 11 -13.05 -13.38 -6.05
N GLN A 12 -12.80 -14.60 -6.52
CA GLN A 12 -11.44 -14.97 -6.94
C GLN A 12 -11.15 -14.39 -8.31
N LEU A 13 -10.05 -13.66 -8.43
N LEU A 13 -10.02 -13.70 -8.44
CA LEU A 13 -9.60 -13.09 -9.69
CA LEU A 13 -9.61 -13.07 -9.68
C LEU A 13 -8.35 -13.81 -10.15
C LEU A 13 -8.34 -13.75 -10.16
N THR A 14 -8.38 -14.30 -11.38
CA THR A 14 -7.19 -14.90 -11.95
C THR A 14 -6.26 -13.83 -12.51
N ARG A 15 -5.01 -14.25 -12.77
CA ARG A 15 -4.04 -13.35 -13.36
C ARG A 15 -4.55 -12.81 -14.70
N GLU A 16 -5.14 -13.67 -15.52
CA GLU A 16 -5.67 -13.23 -16.81
C GLU A 16 -6.71 -12.14 -16.62
N GLU A 17 -7.66 -12.36 -15.70
CA GLU A 17 -8.71 -11.37 -15.47
C GLU A 17 -8.13 -10.06 -14.96
N LEU A 18 -7.16 -10.16 -14.06
CA LEU A 18 -6.50 -8.96 -13.55
C LEU A 18 -5.76 -8.23 -14.67
N GLU A 19 -5.09 -8.97 -15.57
CA GLU A 19 -4.32 -8.32 -16.63
C GLU A 19 -5.23 -7.58 -17.59
N GLU A 20 -6.38 -8.16 -17.91
CA GLU A 20 -7.26 -7.48 -18.85
C GLU A 20 -7.82 -6.21 -18.23
N ARG A 21 -8.06 -6.23 -16.92
N ARG A 21 -8.16 -6.25 -16.94
CA ARG A 21 -8.65 -5.07 -16.24
CA ARG A 21 -8.63 -5.05 -16.26
C ARG A 21 -7.67 -3.92 -16.07
C ARG A 21 -7.61 -3.93 -16.34
N ILE A 22 -6.38 -4.21 -15.87
CA ILE A 22 -5.40 -3.15 -15.77
C ILE A 22 -4.83 -2.72 -17.11
N SER A 23 -5.13 -3.43 -18.21
N SER A 23 -5.02 -3.55 -18.14
CA SER A 23 -4.36 -3.30 -19.45
CA SER A 23 -4.76 -3.10 -19.49
C SER A 23 -4.53 -1.96 -20.17
C SER A 23 -5.54 -1.82 -19.74
N THR A 24 -5.55 -1.19 -19.85
N THR A 24 -4.97 -1.00 -20.60
CA THR A 24 -5.84 0.06 -20.54
CA THR A 24 -5.41 0.35 -20.93
C THR A 24 -5.35 1.28 -19.78
C THR A 24 -4.99 1.43 -19.92
N TYR A 25 -4.67 1.08 -18.66
CA TYR A 25 -4.27 2.11 -17.73
C TYR A 25 -2.79 2.44 -17.87
N ARG A 26 -2.47 3.72 -17.67
CA ARG A 26 -1.08 4.16 -17.83
C ARG A 26 -0.22 3.67 -16.70
N GLU A 27 -0.77 3.62 -15.48
CA GLU A 27 0.01 3.27 -14.30
C GLU A 27 -0.87 2.44 -13.39
N VAL A 28 -0.24 1.65 -12.53
CA VAL A 28 -0.93 0.86 -11.52
C VAL A 28 -0.30 1.21 -10.17
N ALA A 29 -1.14 1.53 -9.21
CA ALA A 29 -0.72 1.86 -7.86
C ALA A 29 -1.33 0.84 -6.89
N ILE A 30 -0.53 0.40 -5.91
CA ILE A 30 -1.02 -0.48 -4.87
C ILE A 30 -0.84 0.24 -3.53
N ASP A 31 -1.91 0.28 -2.73
CA ASP A 31 -1.84 0.82 -1.37
C ASP A 31 -1.95 -0.37 -0.43
N LEU A 32 -0.88 -0.65 0.31
CA LEU A 32 -0.76 -1.85 1.13
C LEU A 32 -1.05 -1.49 2.58
N GLY A 33 -1.98 -2.22 3.21
CA GLY A 33 -2.46 -1.79 4.53
C GLY A 33 -3.41 -0.62 4.39
N THR A 34 -4.29 -0.66 3.38
CA THR A 34 -5.14 0.49 3.05
C THR A 34 -6.17 0.82 4.14
N GLY A 35 -6.50 -0.14 5.00
CA GLY A 35 -7.37 0.18 6.13
C GLY A 35 -8.82 0.34 5.74
N ASP A 36 -9.30 1.57 5.61
CA ASP A 36 -10.67 1.84 5.16
C ASP A 36 -10.71 2.15 3.67
N GLY A 37 -9.56 2.17 3.01
CA GLY A 37 -9.53 2.35 1.58
C GLY A 37 -9.70 3.78 1.11
N ARG A 38 -9.74 4.75 2.02
N ARG A 38 -9.74 4.76 2.02
CA ARG A 38 -9.93 6.13 1.61
CA ARG A 38 -9.95 6.13 1.58
C ARG A 38 -8.86 6.59 0.61
C ARG A 38 -8.86 6.61 0.62
N PHE A 39 -7.62 6.13 0.79
CA PHE A 39 -6.55 6.54 -0.12
C PHE A 39 -6.87 6.10 -1.53
N VAL A 40 -7.47 4.92 -1.66
CA VAL A 40 -7.80 4.38 -2.98
C VAL A 40 -8.92 5.17 -3.61
N LEU A 41 -9.99 5.45 -2.82
CA LEU A 41 -11.10 6.25 -3.35
C LEU A 41 -10.59 7.61 -3.81
N ASP A 42 -9.71 8.24 -3.02
CA ASP A 42 -9.22 9.57 -3.39
C ASP A 42 -8.33 9.52 -4.64
N LEU A 43 -7.36 8.59 -4.67
CA LEU A 43 -6.42 8.55 -5.79
C LEU A 43 -7.10 8.16 -7.10
N ALA A 44 -7.98 7.16 -7.06
CA ALA A 44 -8.65 6.76 -8.28
C ALA A 44 -9.54 7.87 -8.82
N LYS A 45 -10.16 8.65 -7.94
CA LYS A 45 -10.97 9.78 -8.41
C LYS A 45 -10.10 10.84 -9.05
N LEU A 46 -8.90 11.07 -8.49
N LEU A 46 -8.93 11.11 -8.46
CA LEU A 46 -8.02 12.13 -8.94
CA LEU A 46 -8.06 12.15 -9.01
C LEU A 46 -7.25 11.74 -10.20
C LEU A 46 -7.42 11.69 -10.32
N GLU A 47 -7.03 10.44 -10.44
N GLU A 47 -6.99 10.44 -10.39
CA GLU A 47 -6.13 10.00 -11.51
CA GLU A 47 -6.14 9.98 -11.49
C GLU A 47 -6.84 8.95 -12.35
C GLU A 47 -6.92 8.93 -12.29
N ALA A 48 -7.60 9.40 -13.34
CA ALA A 48 -8.41 8.47 -14.13
C ALA A 48 -7.57 7.47 -14.93
N ASP A 49 -6.29 7.76 -15.17
N ASP A 49 -6.29 7.76 -15.18
CA ASP A 49 -5.43 6.88 -15.95
CA ASP A 49 -5.45 6.86 -15.96
C ASP A 49 -4.58 5.97 -15.08
C ASP A 49 -4.56 5.99 -15.07
N THR A 50 -4.85 5.95 -13.78
CA THR A 50 -4.15 5.07 -12.84
C THR A 50 -5.14 4.04 -12.34
N PHE A 51 -4.75 2.77 -12.35
CA PHE A 51 -5.54 1.72 -11.73
C PHE A 51 -5.04 1.56 -10.31
N VAL A 52 -5.92 1.68 -9.31
CA VAL A 52 -5.51 1.73 -7.90
C VAL A 52 -6.06 0.50 -7.18
N ILE A 53 -5.17 -0.28 -6.58
CA ILE A 53 -5.53 -1.50 -5.84
C ILE A 53 -5.26 -1.24 -4.36
N GLY A 54 -6.25 -1.41 -3.49
CA GLY A 54 -6.05 -1.30 -2.06
C GLY A 54 -6.08 -2.68 -1.45
N ILE A 55 -5.06 -3.00 -0.65
CA ILE A 55 -4.90 -4.34 -0.06
C ILE A 55 -4.94 -4.20 1.44
N ASP A 56 -5.71 -5.06 2.12
CA ASP A 56 -5.64 -5.14 3.58
C ASP A 56 -5.91 -6.56 4.01
N ALA A 57 -5.27 -6.97 5.11
CA ALA A 57 -5.55 -8.30 5.66
C ALA A 57 -6.97 -8.38 6.21
N ASN A 58 -7.51 -7.27 6.70
CA ASN A 58 -8.86 -7.21 7.24
C ASN A 58 -9.79 -6.63 6.19
N ALA A 59 -10.68 -7.48 5.66
CA ALA A 59 -11.61 -7.04 4.63
C ALA A 59 -12.82 -6.30 5.16
N LYS A 60 -13.13 -6.41 6.46
CA LYS A 60 -14.40 -5.86 6.93
C LYS A 60 -14.52 -4.36 6.67
N PRO A 61 -13.51 -3.52 6.96
CA PRO A 61 -13.67 -2.08 6.67
C PRO A 61 -13.67 -1.76 5.21
N LEU A 62 -13.39 -2.73 4.34
CA LEU A 62 -13.41 -2.47 2.91
C LEU A 62 -14.70 -2.96 2.24
N GLU A 63 -15.61 -3.56 3.02
CA GLU A 63 -16.87 -4.05 2.43
C GLU A 63 -17.63 -2.93 1.77
N LYS A 64 -17.85 -1.84 2.51
N LYS A 64 -17.84 -1.83 2.50
CA LYS A 64 -18.64 -0.74 1.95
CA LYS A 64 -18.63 -0.73 1.98
C LYS A 64 -17.88 0.04 0.88
C LYS A 64 -17.90 0.07 0.90
N PRO A 65 -16.61 0.40 1.07
CA PRO A 65 -15.87 1.00 -0.06
C PRO A 65 -15.92 0.16 -1.33
N SER A 66 -15.87 -1.18 -1.20
CA SER A 66 -15.88 -2.00 -2.41
C SER A 66 -17.22 -2.00 -3.09
N VAL A 67 -18.31 -1.69 -2.36
CA VAL A 67 -19.60 -1.47 -3.01
C VAL A 67 -19.64 -0.09 -3.64
N LYS A 68 -19.16 0.91 -2.92
CA LYS A 68 -19.19 2.27 -3.45
C LYS A 68 -18.54 2.34 -4.84
N ILE A 69 -17.40 1.70 -5.02
CA ILE A 69 -16.66 1.82 -6.29
C ILE A 69 -17.36 1.11 -7.42
N THR A 70 -18.34 0.25 -7.15
CA THR A 70 -19.01 -0.51 -8.22
C THR A 70 -20.16 0.21 -8.87
N ARG A 71 -20.61 1.32 -8.30
N ARG A 71 -20.60 1.33 -8.31
CA ARG A 71 -21.73 2.06 -8.85
CA ARG A 71 -21.73 2.05 -8.87
C ARG A 71 -21.34 2.64 -10.21
C ARG A 71 -21.34 2.61 -10.23
N LYS A 72 -22.36 3.03 -10.98
CA LYS A 72 -22.07 3.69 -12.24
C LYS A 72 -21.34 5.01 -11.95
N PRO A 73 -20.57 5.53 -12.91
CA PRO A 73 -19.75 6.71 -12.65
C PRO A 73 -20.52 7.90 -12.11
N ALA A 74 -21.74 8.16 -12.60
CA ALA A 74 -22.42 9.35 -12.11
C ALA A 74 -22.89 9.22 -10.66
N LYS A 75 -22.88 8.00 -10.10
CA LYS A 75 -23.17 7.77 -8.69
C LYS A 75 -21.92 7.50 -7.88
N GLY A 76 -20.75 7.91 -8.40
CA GLY A 76 -19.53 7.86 -7.61
C GLY A 76 -18.68 6.64 -7.83
N GLY A 77 -19.05 5.77 -8.74
CA GLY A 77 -18.27 4.57 -8.96
C GLY A 77 -16.93 4.90 -9.59
N LEU A 78 -15.99 3.98 -9.43
CA LEU A 78 -14.61 4.19 -9.85
C LEU A 78 -14.18 2.89 -10.51
N PRO A 79 -14.27 2.79 -11.84
N PRO A 79 -14.26 2.82 -11.84
CA PRO A 79 -13.85 1.54 -12.49
CA PRO A 79 -13.88 1.60 -12.54
C PRO A 79 -12.38 1.25 -12.34
C PRO A 79 -12.39 1.31 -12.50
N ASN A 80 -11.58 2.26 -12.05
CA ASN A 80 -10.14 2.12 -11.90
C ASN A 80 -9.73 1.81 -10.48
N ALA A 81 -10.61 1.27 -9.64
CA ALA A 81 -10.26 0.92 -8.28
C ALA A 81 -10.61 -0.55 -8.03
N LEU A 82 -9.87 -1.16 -7.09
CA LEU A 82 -10.08 -2.55 -6.75
C LEU A 82 -9.62 -2.75 -5.31
N PHE A 83 -10.35 -3.54 -4.52
CA PHE A 83 -9.94 -3.89 -3.15
C PHE A 83 -9.68 -5.39 -3.05
N VAL A 84 -8.58 -5.73 -2.38
CA VAL A 84 -8.08 -7.10 -2.30
C VAL A 84 -7.79 -7.42 -0.84
N GLN A 85 -8.15 -8.64 -0.43
CA GLN A 85 -7.81 -9.14 0.89
C GLN A 85 -6.49 -9.92 0.79
N ALA A 86 -5.47 -9.50 1.53
CA ALA A 86 -4.21 -10.23 1.60
C ALA A 86 -3.38 -9.68 2.74
N ALA A 87 -2.56 -10.54 3.32
CA ALA A 87 -1.57 -10.07 4.29
C ALA A 87 -0.25 -9.80 3.57
N ALA A 88 0.54 -8.88 4.15
CA ALA A 88 1.81 -8.52 3.52
C ALA A 88 2.82 -9.66 3.53
N GLU A 89 2.67 -10.61 4.44
CA GLU A 89 3.52 -11.77 4.51
C GLU A 89 3.17 -12.82 3.46
N ASP A 90 2.03 -12.71 2.80
CA ASP A 90 1.56 -13.75 1.91
C ASP A 90 0.78 -13.11 0.76
N LEU A 91 1.45 -12.30 -0.01
CA LEU A 91 0.82 -11.60 -1.10
C LEU A 91 0.64 -12.53 -2.29
N PRO A 92 -0.45 -12.41 -3.04
CA PRO A 92 -0.71 -13.38 -4.13
C PRO A 92 0.26 -13.22 -5.29
N SER A 93 0.70 -14.35 -5.85
CA SER A 93 1.64 -14.32 -6.96
C SER A 93 1.06 -13.60 -8.17
N GLU A 94 -0.26 -13.52 -8.30
CA GLU A 94 -0.83 -12.85 -9.45
C GLU A 94 -0.53 -11.36 -9.49
N LEU A 95 -0.14 -10.76 -8.36
CA LEU A 95 0.20 -9.36 -8.37
C LEU A 95 1.66 -9.10 -8.67
N ALA A 96 2.44 -10.14 -9.01
CA ALA A 96 3.87 -9.90 -9.23
C ALA A 96 4.08 -8.93 -10.38
N SER A 97 4.94 -7.94 -10.15
N SER A 97 4.92 -7.93 -10.14
CA SER A 97 5.37 -6.99 -11.17
CA SER A 97 5.39 -7.00 -11.16
C SER A 97 4.20 -6.24 -11.80
C SER A 97 4.27 -6.13 -11.74
N VAL A 98 3.17 -5.95 -11.02
CA VAL A 98 2.04 -5.19 -11.55
C VAL A 98 2.13 -3.68 -11.31
N ALA A 99 2.83 -3.25 -10.27
CA ALA A 99 2.68 -1.90 -9.73
C ALA A 99 3.80 -0.97 -10.17
N ASP A 100 3.41 0.22 -10.64
CA ASP A 100 4.38 1.29 -10.80
C ASP A 100 4.73 1.93 -9.46
N SER A 101 3.79 1.92 -8.52
CA SER A 101 3.92 2.63 -7.25
C SER A 101 3.25 1.78 -6.19
N VAL A 102 3.94 1.62 -5.06
CA VAL A 102 3.37 0.98 -3.89
C VAL A 102 3.51 1.95 -2.73
N THR A 103 2.44 2.10 -1.97
CA THR A 103 2.48 2.92 -0.77
C THR A 103 2.15 2.09 0.44
N VAL A 104 2.80 2.40 1.56
CA VAL A 104 2.45 1.85 2.87
C VAL A 104 2.33 3.08 3.76
N ASN A 105 1.10 3.55 3.98
CA ASN A 105 0.85 4.82 4.66
C ASN A 105 0.37 4.57 6.09
N LEU A 106 1.08 5.14 7.06
CA LEU A 106 0.72 5.03 8.47
C LEU A 106 0.41 3.57 8.86
N PRO A 107 1.32 2.65 8.59
CA PRO A 107 1.12 1.27 9.00
C PRO A 107 1.10 1.17 10.52
N TRP A 108 0.50 0.06 10.98
N TRP A 108 0.47 0.08 10.99
CA TRP A 108 0.38 -0.25 12.39
CA TRP A 108 0.39 -0.23 12.40
C TRP A 108 0.72 -1.72 12.58
C TRP A 108 0.73 -1.71 12.58
N GLY A 109 0.96 -2.09 13.84
CA GLY A 109 1.10 -3.50 14.17
C GLY A 109 2.20 -4.19 13.40
N SER A 110 1.88 -5.39 12.89
CA SER A 110 2.89 -6.18 12.21
C SER A 110 3.41 -5.51 10.95
N LEU A 111 2.58 -4.75 10.22
CA LEU A 111 3.09 -4.11 8.99
C LEU A 111 4.06 -2.99 9.35
N LEU A 112 3.78 -2.25 10.44
CA LEU A 112 4.71 -1.22 10.89
C LEU A 112 6.06 -1.86 11.29
N ARG A 113 6.01 -2.95 12.06
N ARG A 113 6.01 -2.96 12.05
CA ARG A 113 7.23 -3.70 12.35
CA ARG A 113 7.23 -3.70 12.35
C ARG A 113 7.95 -4.10 11.06
C ARG A 113 7.95 -4.13 11.09
N ALA A 114 7.20 -4.62 10.10
CA ALA A 114 7.80 -5.17 8.89
C ALA A 114 8.58 -4.12 8.11
N VAL A 115 8.06 -2.88 8.02
CA VAL A 115 8.74 -1.89 7.19
C VAL A 115 9.82 -1.10 7.91
N LEU A 116 9.78 -1.06 9.25
CA LEU A 116 10.78 -0.31 10.00
C LEU A 116 11.86 -1.14 10.61
N LEU A 117 11.59 -2.40 10.97
CA LEU A 117 12.63 -3.22 11.60
C LEU A 117 13.84 -3.40 10.70
N PRO A 118 13.71 -3.82 9.46
CA PRO A 118 12.51 -4.34 8.81
C PRO A 118 12.50 -5.88 8.82
N ASP A 119 11.39 -6.41 8.33
CA ASP A 119 11.26 -7.85 8.11
C ASP A 119 11.57 -8.13 6.64
N SER A 120 12.71 -8.76 6.39
CA SER A 120 13.16 -8.93 5.01
C SER A 120 12.22 -9.81 4.20
N GLU A 121 11.53 -10.76 4.84
CA GLU A 121 10.58 -11.57 4.06
C GLU A 121 9.44 -10.73 3.52
N VAL A 122 8.91 -9.80 4.33
CA VAL A 122 7.90 -8.89 3.83
C VAL A 122 8.48 -7.94 2.80
N LEU A 123 9.71 -7.45 3.00
CA LEU A 123 10.32 -6.55 2.00
C LEU A 123 10.46 -7.25 0.66
N ARG A 124 10.85 -8.53 0.66
CA ARG A 124 10.99 -9.24 -0.61
C ARG A 124 9.63 -9.38 -1.28
N GLY A 125 8.58 -9.61 -0.49
CA GLY A 125 7.24 -9.71 -1.06
C GLY A 125 6.75 -8.39 -1.63
N ILE A 126 6.98 -7.29 -0.91
CA ILE A 126 6.66 -5.97 -1.47
C ILE A 126 7.43 -5.72 -2.76
N ARG A 127 8.75 -5.97 -2.75
CA ARG A 127 9.53 -5.81 -3.98
C ARG A 127 8.92 -6.57 -5.15
N ARG A 128 8.40 -7.77 -4.92
N ARG A 128 8.40 -7.77 -4.91
CA ARG A 128 7.89 -8.57 -6.03
CA ARG A 128 7.87 -8.58 -6.01
C ARG A 128 6.65 -7.93 -6.67
C ARG A 128 6.68 -7.91 -6.69
N LEU A 129 5.97 -7.04 -5.97
CA LEU A 129 4.79 -6.36 -6.53
C LEU A 129 5.20 -5.34 -7.56
N VAL A 130 6.42 -4.81 -7.45
CA VAL A 130 6.79 -3.59 -8.16
C VAL A 130 7.46 -3.93 -9.49
N LYS A 131 7.05 -3.21 -10.53
N LYS A 131 7.05 -3.21 -10.53
CA LYS A 131 7.74 -3.32 -11.82
CA LYS A 131 7.73 -3.29 -11.81
C LYS A 131 9.16 -2.79 -11.68
C LYS A 131 9.17 -2.82 -11.65
N PRO A 132 10.10 -3.30 -12.47
CA PRO A 132 11.47 -2.77 -12.40
C PRO A 132 11.42 -1.27 -12.64
N GLY A 133 12.10 -0.52 -11.77
CA GLY A 133 12.10 0.92 -11.85
C GLY A 133 10.92 1.61 -11.19
N GLY A 134 9.94 0.87 -10.70
CA GLY A 134 8.84 1.46 -9.96
C GLY A 134 9.31 1.90 -8.58
N GLU A 135 8.38 2.46 -7.83
CA GLU A 135 8.72 3.08 -6.54
C GLU A 135 7.86 2.54 -5.40
N LEU A 136 8.47 2.52 -4.20
CA LEU A 136 7.79 2.22 -2.95
C LEU A 136 7.92 3.44 -2.05
N GLU A 137 6.84 3.84 -1.40
N GLU A 137 6.83 3.83 -1.42
CA GLU A 137 6.95 4.90 -0.41
CA GLU A 137 6.88 4.87 -0.40
C GLU A 137 6.29 4.43 0.88
C GLU A 137 6.33 4.28 0.89
N VAL A 138 7.04 4.52 1.98
CA VAL A 138 6.56 4.13 3.31
C VAL A 138 6.44 5.45 4.08
N VAL A 139 5.29 5.69 4.71
CA VAL A 139 5.06 6.90 5.49
C VAL A 139 4.67 6.50 6.91
N THR A 140 5.41 6.99 7.91
CA THR A 140 5.05 6.69 9.29
C THR A 140 5.10 7.97 10.12
N ALA A 141 4.31 8.02 11.19
CA ALA A 141 4.34 9.14 12.12
C ALA A 141 4.63 8.70 13.55
N ILE A 142 5.10 7.47 13.74
CA ILE A 142 5.39 7.01 15.10
C ILE A 142 6.54 7.84 15.67
N ASP A 143 6.42 8.22 16.94
CA ASP A 143 7.34 9.18 17.54
C ASP A 143 8.17 8.42 18.56
N PRO A 144 9.50 8.50 18.48
CA PRO A 144 10.33 7.73 19.42
C PRO A 144 10.14 8.10 20.88
N VAL A 145 9.69 9.32 21.20
CA VAL A 145 9.59 9.72 22.59
C VAL A 145 8.16 9.57 23.09
N ARG A 146 7.17 9.80 22.22
CA ARG A 146 5.79 9.66 22.64
C ARG A 146 5.30 8.22 22.52
N ASP A 147 5.83 7.45 21.58
CA ASP A 147 5.32 6.12 21.31
C ASP A 147 6.26 5.01 21.76
N LEU A 148 7.05 5.27 22.80
CA LEU A 148 8.04 4.32 23.29
C LEU A 148 7.46 2.93 23.55
N GLN A 149 6.32 2.86 24.24
CA GLN A 149 5.76 1.55 24.59
C GLN A 149 5.23 0.82 23.36
N GLU A 150 4.58 1.54 22.43
CA GLU A 150 4.15 0.89 21.21
C GLU A 150 5.35 0.35 20.45
N LEU A 151 6.43 1.13 20.37
CA LEU A 151 7.62 0.66 19.67
C LEU A 151 8.16 -0.62 20.32
N ALA A 152 8.19 -0.66 21.66
CA ALA A 152 8.70 -1.82 22.35
C ALA A 152 7.86 -3.05 22.06
N ARG A 153 6.54 -2.89 22.09
CA ARG A 153 5.61 -3.98 21.83
C ARG A 153 5.82 -4.57 20.44
N LEU A 154 6.25 -3.76 19.48
CA LEU A 154 6.40 -4.19 18.09
C LEU A 154 7.79 -4.70 17.78
N GLY A 155 8.63 -4.83 18.80
CA GLY A 155 9.99 -5.27 18.54
C GLY A 155 10.85 -4.20 17.94
N LEU A 156 10.43 -2.94 18.05
CA LEU A 156 11.15 -1.83 17.45
C LEU A 156 11.93 -1.05 18.48
N SER A 157 12.29 -1.69 19.59
CA SER A 157 12.97 -0.96 20.66
C SER A 157 14.34 -0.45 20.22
N GLN A 158 14.93 -1.01 19.16
CA GLN A 158 16.28 -0.63 18.80
C GLN A 158 16.33 0.47 17.74
N LEU A 159 15.19 1.03 17.34
CA LEU A 159 15.20 2.08 16.33
C LEU A 159 16.01 3.28 16.83
N THR A 160 16.91 3.76 15.98
CA THR A 160 17.70 4.97 16.20
C THR A 160 17.76 5.69 14.87
N GLU A 161 18.23 6.95 14.89
CA GLU A 161 18.39 7.63 13.60
C GLU A 161 19.44 6.94 12.74
N GLN A 162 20.50 6.43 13.36
CA GLN A 162 21.52 5.70 12.60
C GLN A 162 20.95 4.47 11.91
N HIS A 163 19.94 3.82 12.51
CA HIS A 163 19.30 2.68 11.89
C HIS A 163 18.71 3.08 10.55
N PHE A 164 18.05 4.23 10.49
CA PHE A 164 17.42 4.64 9.25
C PHE A 164 18.40 5.01 8.15
N GLU A 165 19.66 5.24 8.49
CA GLU A 165 20.68 5.58 7.50
C GLU A 165 21.58 4.41 7.15
N THR A 166 21.56 3.34 7.95
CA THR A 166 22.50 2.25 7.75
C THR A 166 21.79 0.91 7.59
N ASP A 167 21.47 0.27 8.71
CA ASP A 167 20.89 -1.07 8.71
C ASP A 167 19.60 -1.14 7.89
N LEU A 168 18.72 -0.15 8.03
CA LEU A 168 17.46 -0.21 7.29
C LEU A 168 17.72 -0.07 5.80
N VAL A 169 18.56 0.91 5.41
CA VAL A 169 18.90 1.10 4.01
C VAL A 169 19.50 -0.16 3.40
N GLN A 170 20.37 -0.84 4.16
CA GLN A 170 21.01 -2.05 3.64
C GLN A 170 20.02 -3.19 3.49
N ALA A 171 19.11 -3.33 4.45
CA ALA A 171 18.09 -4.37 4.37
C ALA A 171 17.18 -4.17 3.16
N TYR A 172 16.76 -2.94 2.93
CA TYR A 172 15.96 -2.68 1.74
C TYR A 172 16.75 -2.96 0.47
N ARG A 173 18.02 -2.51 0.43
CA ARG A 173 18.87 -2.74 -0.75
C ARG A 173 19.00 -4.22 -1.05
N ASN A 174 19.20 -5.02 0.01
CA ASN A 174 19.34 -6.46 -0.19
C ASN A 174 18.06 -7.10 -0.72
N ALA A 175 16.91 -6.47 -0.46
CA ALA A 175 15.63 -6.92 -0.99
C ALA A 175 15.29 -6.28 -2.33
N GLY A 176 16.22 -5.57 -2.96
CA GLY A 176 15.95 -5.02 -4.28
C GLY A 176 15.28 -3.67 -4.26
N LEU A 177 15.34 -2.95 -3.14
CA LEU A 177 14.72 -1.64 -2.98
C LEU A 177 15.79 -0.63 -2.60
N GLU A 178 16.11 0.27 -3.55
CA GLU A 178 17.24 1.19 -3.38
C GLU A 178 16.72 2.57 -2.93
N ARG A 179 17.23 3.06 -1.81
N ARG A 179 17.21 3.06 -1.79
CA ARG A 179 16.67 4.27 -1.22
CA ARG A 179 16.63 4.26 -1.22
C ARG A 179 16.91 5.51 -2.09
C ARG A 179 16.90 5.50 -2.08
N GLY A 180 15.96 6.43 -2.03
CA GLY A 180 16.07 7.68 -2.78
C GLY A 180 16.03 8.93 -1.92
N LYS A 181 17.16 9.30 -1.32
CA LYS A 181 17.29 10.51 -0.50
C LYS A 181 16.26 10.57 0.62
N ILE A 193 -0.07 18.88 5.08
CA ILE A 193 0.02 17.73 4.18
C ILE A 193 -1.34 17.34 3.63
N GLU A 194 -1.57 17.67 2.36
CA GLU A 194 -2.87 17.46 1.70
C GLU A 194 -2.88 16.12 0.95
N THR A 195 -2.67 15.07 1.70
CA THR A 195 -2.85 13.70 1.25
C THR A 195 -3.93 13.07 2.12
N THR A 196 -4.36 11.87 1.70
N THR A 196 -4.40 11.88 1.73
CA THR A 196 -5.37 11.17 2.48
CA THR A 196 -5.43 11.30 2.58
C THR A 196 -4.86 10.88 3.87
C THR A 196 -4.88 10.86 3.92
N TRP A 197 -3.62 10.42 3.97
CA TRP A 197 -3.06 10.04 5.27
C TRP A 197 -2.75 11.27 6.10
N GLY A 198 -2.42 12.41 5.45
CA GLY A 198 -2.08 13.59 6.21
C GLY A 198 -3.28 14.10 6.97
N LYS A 199 -4.47 13.85 6.45
CA LYS A 199 -5.70 14.25 7.08
C LYS A 199 -6.09 13.38 8.26
N ARG A 200 -5.33 12.33 8.56
CA ARG A 200 -5.56 11.48 9.73
C ARG A 200 -4.67 11.84 10.90
N LEU A 201 -3.85 12.89 10.77
CA LEU A 201 -2.80 13.15 11.75
C LEU A 201 -3.23 14.27 12.67
N SER A 202 -2.96 14.13 13.97
CA SER A 202 -3.02 15.25 14.87
C SER A 202 -1.83 16.18 14.61
N ARG A 203 -1.95 17.42 15.10
CA ARG A 203 -0.87 18.39 14.90
C ARG A 203 0.45 17.87 15.46
N SER A 204 0.41 17.27 16.65
CA SER A 204 1.62 16.70 17.24
C SER A 204 2.20 15.59 16.36
N SER A 205 1.35 14.72 15.80
CA SER A 205 1.87 13.65 14.96
C SER A 205 2.48 14.17 13.67
N GLU A 206 2.06 15.34 13.21
CA GLU A 206 2.59 15.86 11.94
C GLU A 206 4.10 16.09 12.03
N ARG A 207 4.60 16.45 13.20
CA ARG A 207 6.02 16.74 13.35
C ARG A 207 6.88 15.48 13.30
N SER A 208 6.27 14.31 13.46
CA SER A 208 6.95 13.03 13.51
C SER A 208 6.94 12.28 12.19
N VAL A 209 6.42 12.89 11.12
CA VAL A 209 6.28 12.17 9.88
C VAL A 209 7.64 11.86 9.27
N ARG A 210 7.85 10.60 8.92
CA ARG A 210 9.02 10.16 8.16
C ARG A 210 8.51 9.53 6.87
N ARG A 211 9.05 9.98 5.74
CA ARG A 211 8.74 9.38 4.43
C ARG A 211 9.99 8.70 3.91
N LEU A 212 9.87 7.43 3.55
CA LEU A 212 10.98 6.63 3.01
C LEU A 212 10.61 6.22 1.61
N ARG A 213 11.45 6.54 0.64
CA ARG A 213 11.17 6.21 -0.75
C ARG A 213 12.27 5.31 -1.29
N PHE A 214 11.89 4.37 -2.16
CA PHE A 214 12.81 3.40 -2.73
C PHE A 214 12.43 3.11 -4.18
N THR A 215 13.43 2.78 -5.00
CA THR A 215 13.22 2.33 -6.37
C THR A 215 13.48 0.83 -6.43
N ALA A 216 12.61 0.13 -7.16
CA ALA A 216 12.78 -1.29 -7.37
C ALA A 216 13.88 -1.54 -8.38
N VAL A 217 14.91 -2.25 -7.95
CA VAL A 217 16.08 -2.53 -8.78
C VAL A 217 16.34 -4.03 -8.80
#